data_8YKU
#
_entry.id   8YKU
#
_cell.length_a   118.590
_cell.length_b   118.590
_cell.length_c   131.870
_cell.angle_alpha   90.000
_cell.angle_beta   90.000
_cell.angle_gamma   120.000
#
_symmetry.space_group_name_H-M   'P 61 2 2'
#
loop_
_entity.id
_entity.type
_entity.pdbx_description
1 polymer 'Thiamine-monophosphate kinase'
2 non-polymer 'ACETATE ION'
3 non-polymer 'CALCIUM ION'
4 non-polymer 'THIAMIN PHOSPHATE'
5 non-polymer 'PHOSPHOAMINOPHOSPHONIC ACID-ADENYLATE ESTER'
6 non-polymer 'TETRAETHYLENE GLYCOL'
7 non-polymer DI(HYDROXYETHYL)ETHER
8 non-polymer 1,2-ETHANEDIOL
9 water water
#
_entity_poly.entity_id   1
_entity_poly.type   'polypeptide(L)'
_entity_poly.pdbx_seq_one_letter_code
;MHHHHHHSSGVDLGTENLYFQSMGEFELIRRFFAAAACAAPAADVALGIGDDCALLAPPAGEQLAVSTDTLVEGVHFPAG
CDPFLLAQRALAVSASDLAAMGAAPLAFTLALTLPQADAEWLQGFARGLDAMARQCGLALVGGDTTRGPLSMTLTVFGRV
PAGQALTRAGARPGDLLCVGGPLGEAGAALELVLERRSAPAEVAEPLLARYWTPAPQFGLGLALRGKASAALDISDGLLA
DCGHIARASGVALLVECQRLQASAALSGLLAGEEALRQQLAAGDDYVLVFTLPPEYLGEIRAAWPAMAVIGRVEAGQGVH
LLDADGKELIPAAAGYQHFGTQRD
;
_entity_poly.pdbx_strand_id   A
#
# COMPACT_ATOMS: atom_id res chain seq x y z
N PHE A 26 -0.19 -11.43 -28.79
CA PHE A 26 -1.26 -12.15 -28.10
C PHE A 26 -0.75 -13.41 -27.43
N GLU A 27 0.00 -14.22 -28.19
CA GLU A 27 0.42 -15.54 -27.71
C GLU A 27 1.24 -15.45 -26.43
N LEU A 28 2.00 -14.36 -26.26
CA LEU A 28 2.77 -14.20 -25.03
C LEU A 28 1.86 -14.06 -23.81
N ILE A 29 0.62 -13.58 -24.01
CA ILE A 29 -0.33 -13.46 -22.90
C ILE A 29 -0.70 -14.84 -22.37
N ARG A 30 -1.08 -15.75 -23.26
CA ARG A 30 -1.35 -17.13 -22.86
C ARG A 30 -0.12 -17.75 -22.20
N ARG A 31 1.04 -17.54 -22.82
CA ARG A 31 2.27 -18.17 -22.36
C ARG A 31 2.67 -17.67 -20.97
N PHE A 32 2.59 -16.36 -20.75
CA PHE A 32 3.15 -15.78 -19.53
C PHE A 32 2.11 -15.49 -18.45
N PHE A 33 0.88 -15.13 -18.82
CA PHE A 33 -0.12 -14.74 -17.83
C PHE A 33 -1.22 -15.77 -17.65
N ALA A 34 -1.84 -16.25 -18.73
CA ALA A 34 -2.83 -17.32 -18.58
C ALA A 34 -2.22 -18.53 -17.89
N ALA A 35 -0.94 -18.80 -18.15
CA ALA A 35 -0.23 -19.93 -17.55
C ALA A 35 0.35 -19.61 -16.18
N ALA A 36 0.29 -18.35 -15.74
CA ALA A 36 0.87 -17.98 -14.46
C ALA A 36 0.16 -18.71 -13.32
N ALA A 37 0.91 -18.97 -12.24
CA ALA A 37 0.34 -19.68 -11.10
C ALA A 37 -0.82 -18.91 -10.49
N CYS A 38 -0.75 -17.58 -10.47
CA CYS A 38 -1.82 -16.81 -9.85
C CYS A 38 -3.08 -16.73 -10.71
N ALA A 39 -3.02 -17.21 -11.95
CA ALA A 39 -4.17 -17.25 -12.84
C ALA A 39 -4.91 -18.59 -12.79
N ALA A 40 -4.45 -19.53 -11.96
CA ALA A 40 -5.12 -20.80 -11.79
C ALA A 40 -6.53 -20.62 -11.23
N PRO A 41 -7.39 -21.64 -11.36
CA PRO A 41 -8.73 -21.56 -10.77
C PRO A 41 -8.67 -21.18 -9.29
N ALA A 42 -9.66 -20.40 -8.87
CA ALA A 42 -9.66 -19.86 -7.51
C ALA A 42 -11.09 -19.73 -7.03
N ALA A 43 -11.25 -19.78 -5.72
CA ALA A 43 -12.58 -19.63 -5.13
C ALA A 43 -13.15 -18.25 -5.45
N ASP A 44 -14.45 -18.21 -5.71
CA ASP A 44 -15.22 -17.01 -6.05
C ASP A 44 -14.88 -16.47 -7.44
N VAL A 45 -14.12 -17.21 -8.25
CA VAL A 45 -13.83 -16.83 -9.62
C VAL A 45 -14.50 -17.85 -10.53
N ALA A 46 -15.59 -17.43 -11.19
CA ALA A 46 -16.29 -18.34 -12.10
C ALA A 46 -15.59 -18.43 -13.46
N LEU A 47 -14.90 -17.38 -13.90
CA LEU A 47 -14.21 -17.41 -15.17
C LEU A 47 -13.01 -16.48 -15.10
N GLY A 48 -11.83 -17.03 -15.35
CA GLY A 48 -10.59 -16.26 -15.34
C GLY A 48 -10.23 -15.79 -16.74
N ILE A 49 -8.93 -15.79 -17.02
CA ILE A 49 -8.42 -15.30 -18.30
C ILE A 49 -8.95 -16.13 -19.46
N GLY A 50 -9.32 -15.47 -20.56
CA GLY A 50 -9.63 -16.18 -21.78
C GLY A 50 -10.80 -15.60 -22.57
N ASP A 51 -11.60 -14.72 -21.94
CA ASP A 51 -12.77 -14.19 -22.61
C ASP A 51 -12.82 -12.66 -22.56
N ASP A 52 -13.94 -12.07 -22.98
CA ASP A 52 -14.03 -10.61 -23.05
C ASP A 52 -14.09 -9.98 -21.67
N CYS A 53 -14.67 -10.69 -20.70
CA CYS A 53 -14.63 -10.32 -19.29
C CYS A 53 -14.25 -11.54 -18.48
N ALA A 54 -13.71 -11.28 -17.28
CA ALA A 54 -13.73 -12.26 -16.22
C ALA A 54 -15.10 -12.28 -15.55
N LEU A 55 -15.40 -13.39 -14.87
CA LEU A 55 -16.65 -13.53 -14.12
C LEU A 55 -16.30 -13.85 -12.67
N LEU A 56 -16.72 -12.99 -11.76
CA LEU A 56 -16.55 -13.21 -10.34
C LEU A 56 -17.87 -13.62 -9.71
N ALA A 57 -17.80 -14.56 -8.77
CA ALA A 57 -18.93 -14.89 -7.91
C ALA A 57 -18.66 -14.32 -6.53
N PRO A 58 -18.89 -13.02 -6.32
CA PRO A 58 -18.56 -12.42 -5.02
C PRO A 58 -19.30 -13.11 -3.89
N PRO A 59 -18.66 -13.29 -2.74
CA PRO A 59 -19.30 -14.02 -1.64
C PRO A 59 -20.56 -13.28 -1.17
N ALA A 60 -21.65 -14.03 -1.05
CA ALA A 60 -22.91 -13.44 -0.63
C ALA A 60 -22.78 -12.85 0.77
N GLY A 61 -23.48 -11.76 1.00
CA GLY A 61 -23.42 -11.10 2.29
C GLY A 61 -22.19 -10.25 2.54
N GLU A 62 -21.37 -10.01 1.53
CA GLU A 62 -20.26 -9.08 1.68
C GLU A 62 -20.23 -8.14 0.49
N GLN A 63 -19.73 -6.93 0.73
CA GLN A 63 -19.54 -5.98 -0.34
C GLN A 63 -18.22 -6.25 -1.05
N LEU A 64 -18.14 -5.79 -2.30
CA LEU A 64 -16.93 -5.95 -3.10
C LEU A 64 -16.16 -4.63 -3.07
N ALA A 65 -14.95 -4.65 -2.51
CA ALA A 65 -14.10 -3.47 -2.54
C ALA A 65 -13.34 -3.43 -3.86
N VAL A 66 -13.33 -2.25 -4.52
CA VAL A 66 -12.73 -2.12 -5.85
C VAL A 66 -11.82 -0.89 -5.86
N SER A 67 -10.58 -1.07 -6.31
CA SER A 67 -9.64 0.04 -6.42
C SER A 67 -8.76 -0.17 -7.64
N THR A 68 -8.28 0.94 -8.22
CA THR A 68 -7.42 0.87 -9.39
C THR A 68 -6.22 1.79 -9.19
N ASP A 69 -5.04 1.34 -9.64
CA ASP A 69 -3.82 2.13 -9.53
C ASP A 69 -3.00 2.05 -10.81
N THR A 70 -2.48 3.20 -11.25
CA THR A 70 -1.57 3.28 -12.39
C THR A 70 -0.15 3.55 -11.90
N LEU A 71 0.81 2.78 -12.41
CA LEU A 71 2.23 3.07 -12.23
C LEU A 71 2.85 3.42 -13.58
N VAL A 72 3.53 4.57 -13.64
CA VAL A 72 4.06 5.15 -14.86
C VAL A 72 5.58 5.09 -14.80
N GLU A 73 6.21 4.65 -15.88
CA GLU A 73 7.68 4.58 -15.91
C GLU A 73 8.25 5.98 -15.76
N GLY A 74 9.27 6.10 -14.89
CA GLY A 74 9.86 7.38 -14.61
C GLY A 74 9.16 8.16 -13.52
N VAL A 75 7.97 7.74 -13.10
CA VAL A 75 7.22 8.40 -12.04
C VAL A 75 7.14 7.51 -10.80
N HIS A 76 6.66 6.28 -10.97
CA HIS A 76 6.44 5.37 -9.85
C HIS A 76 7.47 4.26 -9.80
N PHE A 77 8.36 4.18 -10.78
CA PHE A 77 9.44 3.22 -10.82
C PHE A 77 10.44 3.69 -11.86
N PRO A 78 11.70 3.26 -11.77
CA PRO A 78 12.71 3.75 -12.71
C PRO A 78 12.73 2.97 -14.02
N ALA A 79 13.06 3.68 -15.09
CA ALA A 79 13.33 3.03 -16.36
C ALA A 79 14.46 2.03 -16.21
N GLY A 80 14.38 0.94 -16.97
CA GLY A 80 15.42 -0.07 -16.95
C GLY A 80 15.40 -1.02 -15.79
N CYS A 81 14.39 -0.95 -14.91
CA CYS A 81 14.42 -1.73 -13.69
C CYS A 81 14.08 -3.18 -13.97
N ASP A 82 14.40 -4.02 -13.00
CA ASP A 82 14.14 -5.46 -13.08
C ASP A 82 12.64 -5.72 -13.10
N PRO A 83 12.10 -6.39 -14.14
CA PRO A 83 10.64 -6.59 -14.18
C PRO A 83 10.12 -7.51 -13.11
N PHE A 84 10.96 -8.44 -12.62
CA PHE A 84 10.57 -9.31 -11.52
C PHE A 84 10.23 -8.50 -10.27
N LEU A 85 11.02 -7.46 -9.99
CA LEU A 85 10.71 -6.59 -8.86
C LEU A 85 9.54 -5.66 -9.17
N LEU A 86 9.51 -5.13 -10.39
CA LEU A 86 8.47 -4.17 -10.77
C LEU A 86 7.07 -4.75 -10.60
N ALA A 87 6.87 -5.99 -11.05
CA ALA A 87 5.55 -6.61 -10.95
C ALA A 87 5.08 -6.72 -9.51
N GLN A 88 6.00 -7.05 -8.60
CA GLN A 88 5.64 -7.14 -7.18
C GLN A 88 5.26 -5.78 -6.62
N ARG A 89 6.03 -4.75 -6.97
CA ARG A 89 5.71 -3.41 -6.51
C ARG A 89 4.34 -2.97 -7.00
N ALA A 90 4.06 -3.18 -8.29
CA ALA A 90 2.80 -2.71 -8.86
C ALA A 90 1.61 -3.36 -8.17
N LEU A 91 1.68 -4.68 -7.96
CA LEU A 91 0.56 -5.35 -7.32
C LEU A 91 0.45 -4.98 -5.84
N ALA A 92 1.59 -4.87 -5.14
CA ALA A 92 1.53 -4.55 -3.71
C ALA A 92 0.96 -3.15 -3.47
N VAL A 93 1.45 -2.14 -4.20
CA VAL A 93 0.95 -0.79 -3.95
C VAL A 93 -0.54 -0.70 -4.29
N SER A 94 -1.00 -1.48 -5.29
CA SER A 94 -2.42 -1.50 -5.63
C SER A 94 -3.24 -2.25 -4.58
N ALA A 95 -2.73 -3.41 -4.14
CA ALA A 95 -3.45 -4.21 -3.14
C ALA A 95 -3.55 -3.50 -1.80
N SER A 96 -2.64 -2.55 -1.53
CA SER A 96 -2.66 -1.84 -0.26
C SER A 96 -3.97 -1.08 -0.06
N ASP A 97 -4.61 -0.60 -1.15
CA ASP A 97 -5.90 0.08 -0.98
C ASP A 97 -6.98 -0.86 -0.44
N LEU A 98 -6.85 -2.17 -0.65
CA LEU A 98 -7.81 -3.09 -0.02
C LEU A 98 -7.63 -3.13 1.49
N ALA A 99 -6.38 -3.21 1.95
CA ALA A 99 -6.10 -3.13 3.39
C ALA A 99 -6.59 -1.83 3.98
N ALA A 100 -6.51 -0.74 3.22
CA ALA A 100 -6.97 0.57 3.67
C ALA A 100 -8.48 0.64 3.86
N MET A 101 -9.22 -0.36 3.38
CA MET A 101 -10.67 -0.47 3.63
C MET A 101 -11.00 -1.58 4.61
N GLY A 102 -10.00 -2.31 5.11
CA GLY A 102 -10.25 -3.51 5.87
C GLY A 102 -10.83 -4.64 5.05
N ALA A 103 -10.53 -4.70 3.75
CA ALA A 103 -11.08 -5.75 2.90
C ALA A 103 -10.16 -6.95 2.85
N ALA A 104 -10.74 -8.12 2.68
CA ALA A 104 -9.93 -9.32 2.46
C ALA A 104 -9.67 -9.49 0.96
N PRO A 105 -8.48 -9.92 0.55
CA PRO A 105 -8.16 -9.93 -0.89
C PRO A 105 -8.91 -11.03 -1.64
N LEU A 106 -9.24 -10.74 -2.91
CA LEU A 106 -9.90 -11.70 -3.79
C LEU A 106 -9.20 -11.87 -5.15
N ALA A 107 -9.11 -10.81 -5.96
CA ALA A 107 -8.64 -10.97 -7.33
C ALA A 107 -8.19 -9.63 -7.88
N PHE A 108 -7.61 -9.65 -9.08
CA PHE A 108 -7.18 -8.42 -9.72
C PHE A 108 -7.12 -8.61 -11.23
N THR A 109 -7.12 -7.48 -11.94
CA THR A 109 -6.80 -7.45 -13.36
C THR A 109 -5.56 -6.61 -13.58
N LEU A 110 -4.85 -6.89 -14.67
CA LEU A 110 -3.59 -6.24 -15.01
C LEU A 110 -3.71 -5.65 -16.41
N ALA A 111 -3.69 -4.33 -16.52
CA ALA A 111 -3.58 -3.65 -17.81
C ALA A 111 -2.13 -3.24 -18.01
N LEU A 112 -1.53 -3.70 -19.09
CA LEU A 112 -0.11 -3.51 -19.32
C LEU A 112 0.11 -2.83 -20.68
N THR A 113 0.86 -1.74 -20.67
CA THR A 113 1.24 -1.00 -21.88
C THR A 113 2.74 -1.14 -22.09
N LEU A 114 3.15 -1.71 -23.23
CA LEU A 114 4.54 -2.11 -23.48
C LEU A 114 5.07 -1.39 -24.70
N PRO A 115 6.24 -0.74 -24.61
CA PRO A 115 6.86 -0.18 -25.83
C PRO A 115 7.24 -1.25 -26.82
N GLN A 116 7.67 -2.43 -26.35
CA GLN A 116 7.96 -3.57 -27.21
C GLN A 116 7.72 -4.85 -26.42
N ALA A 117 7.44 -5.95 -27.13
CA ALA A 117 7.04 -7.20 -26.49
C ALA A 117 8.26 -8.09 -26.31
N ASP A 118 9.02 -7.81 -25.24
CA ASP A 118 10.23 -8.53 -24.91
C ASP A 118 9.87 -9.78 -24.11
N ALA A 119 10.16 -10.96 -24.67
CA ALA A 119 9.75 -12.21 -24.01
C ALA A 119 10.45 -12.41 -22.68
N GLU A 120 11.73 -12.04 -22.58
CA GLU A 120 12.44 -12.24 -21.32
C GLU A 120 11.97 -11.26 -20.25
N TRP A 121 11.63 -10.03 -20.64
CA TRP A 121 11.07 -9.07 -19.71
C TRP A 121 9.73 -9.55 -19.18
N LEU A 122 8.86 -10.01 -20.08
CA LEU A 122 7.54 -10.49 -19.69
C LEU A 122 7.62 -11.73 -18.82
N GLN A 123 8.60 -12.60 -19.09
CA GLN A 123 8.77 -13.77 -18.25
C GLN A 123 9.11 -13.39 -16.82
N GLY A 124 10.08 -12.49 -16.64
CA GLY A 124 10.41 -12.03 -15.30
C GLY A 124 9.26 -11.29 -14.64
N PHE A 125 8.54 -10.47 -15.42
CA PHE A 125 7.39 -9.76 -14.88
C PHE A 125 6.35 -10.73 -14.33
N ALA A 126 5.98 -11.74 -15.14
CA ALA A 126 4.99 -12.71 -14.68
C ALA A 126 5.48 -13.53 -13.50
N ARG A 127 6.79 -13.83 -13.45
CA ARG A 127 7.34 -14.52 -12.27
C ARG A 127 7.16 -13.69 -11.01
N GLY A 128 7.48 -12.40 -11.09
CA GLY A 128 7.30 -11.53 -9.93
C GLY A 128 5.84 -11.33 -9.58
N LEU A 129 4.98 -11.20 -10.59
CA LEU A 129 3.55 -11.10 -10.34
C LEU A 129 3.05 -12.31 -9.58
N ASP A 130 3.47 -13.51 -9.99
CA ASP A 130 3.10 -14.74 -9.28
C ASP A 130 3.52 -14.70 -7.82
N ALA A 131 4.76 -14.28 -7.55
CA ALA A 131 5.27 -14.31 -6.18
C ALA A 131 4.44 -13.38 -5.29
N MET A 132 4.20 -12.14 -5.73
CA MET A 132 3.45 -11.20 -4.92
C MET A 132 1.97 -11.61 -4.83
N ALA A 133 1.40 -12.11 -5.92
CA ALA A 133 -0.02 -12.49 -5.88
C ALA A 133 -0.23 -13.64 -4.92
N ARG A 134 0.70 -14.58 -4.88
CA ARG A 134 0.59 -15.70 -3.91
C ARG A 134 0.62 -15.12 -2.49
N GLN A 135 1.59 -14.27 -2.21
CA GLN A 135 1.70 -13.72 -0.86
C GLN A 135 0.49 -12.87 -0.48
N CYS A 136 -0.21 -12.30 -1.46
CA CYS A 136 -1.39 -11.49 -1.19
C CYS A 136 -2.71 -12.24 -1.27
N GLY A 137 -2.69 -13.51 -1.69
CA GLY A 137 -3.92 -14.25 -1.92
C GLY A 137 -4.81 -13.64 -2.99
N LEU A 138 -4.22 -13.14 -4.08
CA LEU A 138 -4.96 -12.45 -5.13
C LEU A 138 -4.91 -13.27 -6.41
N ALA A 139 -6.07 -13.60 -6.95
CA ALA A 139 -6.17 -14.33 -8.21
C ALA A 139 -6.12 -13.36 -9.39
N LEU A 140 -5.25 -13.63 -10.35
CA LEU A 140 -5.24 -12.88 -11.60
C LEU A 140 -6.33 -13.41 -12.51
N VAL A 141 -7.33 -12.57 -12.82
CA VAL A 141 -8.50 -13.04 -13.56
C VAL A 141 -8.62 -12.40 -14.92
N GLY A 142 -7.78 -11.44 -15.27
CA GLY A 142 -7.90 -10.81 -16.57
C GLY A 142 -7.02 -9.59 -16.68
N GLY A 143 -7.16 -8.89 -17.78
CA GLY A 143 -6.35 -7.70 -17.99
C GLY A 143 -6.47 -7.18 -19.41
N ASP A 144 -5.44 -6.47 -19.82
CA ASP A 144 -5.40 -5.85 -21.14
C ASP A 144 -3.94 -5.61 -21.49
N THR A 145 -3.60 -5.75 -22.77
CA THR A 145 -2.24 -5.52 -23.23
C THR A 145 -2.29 -4.60 -24.43
N THR A 146 -1.48 -3.53 -24.41
CA THR A 146 -1.45 -2.53 -25.46
C THR A 146 -0.01 -2.10 -25.67
N ARG A 147 0.19 -1.30 -26.71
CA ARG A 147 1.50 -0.76 -27.05
C ARG A 147 1.57 0.71 -26.65
N GLY A 148 2.74 1.15 -26.18
CA GLY A 148 2.93 2.53 -25.84
C GLY A 148 3.96 2.70 -24.73
N PRO A 149 4.14 3.94 -24.26
CA PRO A 149 5.08 4.19 -23.16
C PRO A 149 4.74 3.34 -21.94
N LEU A 150 5.77 2.73 -21.34
CA LEU A 150 5.58 1.72 -20.31
C LEU A 150 4.72 2.23 -19.16
N SER A 151 3.64 1.51 -18.88
CA SER A 151 2.70 1.85 -17.82
C SER A 151 1.91 0.60 -17.50
N MET A 152 1.36 0.56 -16.30
CA MET A 152 0.47 -0.55 -15.94
C MET A 152 -0.59 -0.04 -14.99
N THR A 153 -1.81 -0.55 -15.14
CA THR A 153 -2.92 -0.20 -14.26
C THR A 153 -3.49 -1.48 -13.72
N LEU A 154 -3.46 -1.63 -12.40
CA LEU A 154 -3.97 -2.82 -11.74
C LEU A 154 -5.24 -2.46 -11.01
N THR A 155 -6.28 -3.29 -11.17
CA THR A 155 -7.54 -3.08 -10.47
C THR A 155 -7.76 -4.27 -9.56
N VAL A 156 -7.88 -4.01 -8.27
CA VAL A 156 -7.89 -5.06 -7.25
C VAL A 156 -9.29 -5.15 -6.67
N PHE A 157 -9.66 -6.37 -6.27
CA PHE A 157 -10.97 -6.66 -5.71
C PHE A 157 -10.82 -7.37 -4.37
N GLY A 158 -11.64 -6.97 -3.41
CA GLY A 158 -11.65 -7.59 -2.10
C GLY A 158 -13.08 -7.66 -1.57
N ARG A 159 -13.22 -8.26 -0.39
CA ARG A 159 -14.52 -8.44 0.23
C ARG A 159 -14.50 -7.87 1.65
N VAL A 160 -15.60 -7.23 2.03
CA VAL A 160 -15.74 -6.68 3.37
C VAL A 160 -17.22 -6.70 3.75
N PRO A 161 -17.58 -7.12 4.97
CA PRO A 161 -18.99 -7.08 5.36
C PRO A 161 -19.54 -5.66 5.34
N ALA A 162 -20.81 -5.55 4.93
CA ALA A 162 -21.47 -4.25 4.90
C ALA A 162 -21.37 -3.58 6.27
N GLY A 163 -21.13 -2.28 6.26
CA GLY A 163 -21.00 -1.51 7.49
C GLY A 163 -19.68 -1.66 8.22
N GLN A 164 -18.77 -2.51 7.75
CA GLN A 164 -17.51 -2.74 8.45
C GLN A 164 -16.29 -2.16 7.73
N ALA A 165 -16.46 -1.61 6.54
CA ALA A 165 -15.32 -1.05 5.82
C ALA A 165 -14.74 0.15 6.58
N LEU A 166 -13.43 0.34 6.45
CA LEU A 166 -12.72 1.43 7.10
C LEU A 166 -12.79 2.68 6.21
N THR A 167 -13.61 3.65 6.60
CA THR A 167 -13.76 4.86 5.82
C THR A 167 -12.96 5.98 6.47
N ARG A 168 -13.04 7.18 5.89
CA ARG A 168 -12.21 8.28 6.31
C ARG A 168 -12.91 9.34 7.14
N ALA A 169 -14.23 9.24 7.32
CA ALA A 169 -15.02 10.36 7.82
C ALA A 169 -15.42 10.22 9.28
N GLY A 170 -15.04 9.13 9.93
CA GLY A 170 -15.50 8.86 11.28
C GLY A 170 -14.61 9.29 12.43
N ALA A 171 -13.47 9.96 12.17
CA ALA A 171 -12.58 10.35 13.26
C ALA A 171 -13.24 11.36 14.19
N ARG A 172 -12.97 11.21 15.48
CA ARG A 172 -13.54 12.12 16.49
C ARG A 172 -12.45 12.69 17.38
N PRO A 173 -12.58 13.94 17.84
CA PRO A 173 -11.65 14.47 18.85
C PRO A 173 -11.50 13.50 20.00
N GLY A 174 -10.27 13.33 20.49
CA GLY A 174 -9.94 12.33 21.48
C GLY A 174 -9.39 11.03 20.91
N ASP A 175 -9.62 10.77 19.62
CA ASP A 175 -9.07 9.56 19.01
C ASP A 175 -7.55 9.66 18.96
N LEU A 176 -6.88 8.51 19.09
CA LEU A 176 -5.45 8.44 18.87
C LEU A 176 -5.16 8.40 17.38
N LEU A 177 -4.08 9.07 16.95
CA LEU A 177 -3.61 9.00 15.57
C LEU A 177 -2.48 7.99 15.53
N CYS A 178 -2.61 6.98 14.66
CA CYS A 178 -1.71 5.83 14.67
C CYS A 178 -1.28 5.50 13.24
N VAL A 179 -0.16 4.77 13.14
CA VAL A 179 0.25 4.18 11.87
C VAL A 179 0.55 2.71 12.09
N GLY A 180 0.50 1.94 11.01
CA GLY A 180 0.63 0.50 11.09
C GLY A 180 2.05 -0.02 11.06
N GLY A 181 3.04 0.85 10.95
CA GLY A 181 4.41 0.41 10.85
C GLY A 181 5.35 1.58 10.65
N PRO A 182 6.65 1.28 10.52
CA PRO A 182 7.66 2.34 10.33
C PRO A 182 7.39 3.15 9.07
N LEU A 183 7.69 4.45 9.15
CA LEU A 183 7.52 5.40 8.07
C LEU A 183 8.88 5.79 7.49
N GLY A 184 8.85 6.30 6.25
CA GLY A 184 10.03 6.85 5.61
C GLY A 184 10.97 5.85 4.96
N GLU A 185 10.73 4.54 5.13
CA GLU A 185 11.68 3.55 4.65
C GLU A 185 11.72 3.48 3.14
N ALA A 186 10.56 3.64 2.48
CA ALA A 186 10.54 3.58 1.02
C ALA A 186 11.10 4.84 0.40
N GLY A 187 11.02 5.97 1.10
CA GLY A 187 11.68 7.18 0.63
C GLY A 187 13.19 7.08 0.73
N ALA A 188 13.68 6.57 1.87
CA ALA A 188 15.10 6.25 1.98
C ALA A 188 15.53 5.29 0.87
N ALA A 189 14.72 4.26 0.61
CA ALA A 189 15.04 3.30 -0.44
C ALA A 189 15.15 3.98 -1.80
N LEU A 190 14.26 4.93 -2.07
CA LEU A 190 14.24 5.60 -3.38
C LEU A 190 15.58 6.28 -3.67
N GLU A 191 16.18 6.90 -2.65
CA GLU A 191 17.52 7.46 -2.80
C GLU A 191 18.51 6.43 -3.31
N LEU A 192 18.43 5.20 -2.78
CA LEU A 192 19.30 4.11 -3.24
C LEU A 192 18.93 3.66 -4.65
N VAL A 193 17.63 3.48 -4.90
CA VAL A 193 17.15 3.03 -6.21
C VAL A 193 17.63 3.98 -7.29
N LEU A 194 17.54 5.29 -7.03
CA LEU A 194 17.95 6.28 -8.01
C LEU A 194 19.45 6.57 -7.97
N GLU A 195 20.18 5.85 -7.12
CA GLU A 195 21.66 6.02 -7.02
C GLU A 195 22.00 7.46 -6.62
N ARG A 196 21.13 8.09 -5.84
CA ARG A 196 21.39 9.45 -5.29
C ARG A 196 22.08 9.32 -3.94
N ARG A 197 22.15 8.10 -3.43
CA ARG A 197 22.83 7.81 -2.14
C ARG A 197 23.34 6.38 -2.21
N SER A 198 24.34 6.08 -1.40
CA SER A 198 24.85 4.72 -1.36
C SER A 198 24.82 4.22 0.09
N ALA A 199 24.95 2.90 0.24
CA ALA A 199 24.83 2.28 1.54
C ALA A 199 25.51 0.93 1.49
N PRO A 200 25.97 0.41 2.63
CA PRO A 200 26.35 -1.01 2.70
C PRO A 200 25.19 -1.91 2.30
N ALA A 201 25.52 -3.08 1.76
CA ALA A 201 24.51 -4.00 1.23
C ALA A 201 23.45 -4.37 2.27
N GLU A 202 23.87 -4.60 3.52
CA GLU A 202 22.91 -5.05 4.52
C GLU A 202 22.03 -3.92 5.04
N VAL A 203 22.45 -2.67 4.85
CA VAL A 203 21.56 -1.54 5.08
C VAL A 203 20.59 -1.36 3.93
N ALA A 204 21.07 -1.53 2.69
CA ALA A 204 20.20 -1.32 1.53
C ALA A 204 19.10 -2.37 1.43
N GLU A 205 19.41 -3.63 1.72
CA GLU A 205 18.46 -4.71 1.47
C GLU A 205 17.10 -4.49 2.12
N PRO A 206 16.99 -4.20 3.42
CA PRO A 206 15.63 -4.07 4.00
C PRO A 206 14.89 -2.86 3.47
N LEU A 207 15.61 -1.80 3.12
CA LEU A 207 14.95 -0.62 2.57
C LEU A 207 14.47 -0.88 1.14
N LEU A 208 15.33 -1.48 0.30
CA LEU A 208 14.89 -1.86 -1.04
C LEU A 208 13.68 -2.79 -1.00
N ALA A 209 13.59 -3.66 0.02
CA ALA A 209 12.43 -4.54 0.13
C ALA A 209 11.16 -3.74 0.37
N ARG A 210 11.25 -2.60 1.03
CA ARG A 210 10.07 -1.77 1.26
C ARG A 210 9.64 -1.05 0.00
N TYR A 211 10.60 -0.76 -0.90
CA TYR A 211 10.27 -0.11 -2.16
C TYR A 211 9.70 -1.10 -3.17
N TRP A 212 10.38 -2.24 -3.37
CA TRP A 212 9.97 -3.17 -4.42
C TRP A 212 8.92 -4.16 -3.95
N THR A 213 8.93 -4.54 -2.67
CA THR A 213 8.00 -5.55 -2.15
C THR A 213 7.38 -5.11 -0.83
N PRO A 214 6.69 -3.97 -0.80
CA PRO A 214 5.98 -3.61 0.44
C PRO A 214 4.88 -4.63 0.70
N ALA A 215 4.61 -4.85 1.99
CA ALA A 215 3.63 -5.85 2.38
C ALA A 215 2.30 -5.16 2.67
N PRO A 216 1.28 -5.33 1.84
CA PRO A 216 -0.02 -4.73 2.16
C PRO A 216 -0.51 -5.21 3.52
N GLN A 217 -1.02 -4.28 4.32
CA GLN A 217 -1.31 -4.57 5.73
C GLN A 217 -2.71 -5.17 5.91
N PHE A 218 -2.95 -6.29 5.18
CA PHE A 218 -4.25 -6.94 5.24
C PHE A 218 -4.68 -7.26 6.67
N GLY A 219 -3.76 -7.85 7.46
CA GLY A 219 -4.13 -8.30 8.79
C GLY A 219 -4.52 -7.15 9.70
N LEU A 220 -3.83 -6.02 9.58
CA LEU A 220 -4.22 -4.83 10.34
C LEU A 220 -5.58 -4.32 9.92
N GLY A 221 -5.83 -4.25 8.61
CA GLY A 221 -7.15 -3.81 8.16
C GLY A 221 -8.27 -4.66 8.72
N LEU A 222 -8.08 -5.98 8.73
CA LEU A 222 -9.09 -6.85 9.33
C LEU A 222 -9.22 -6.59 10.82
N ALA A 223 -8.09 -6.38 11.52
CA ALA A 223 -8.14 -6.18 12.96
C ALA A 223 -8.82 -4.86 13.31
N LEU A 224 -8.74 -3.88 12.41
CA LEU A 224 -9.33 -2.57 12.68
C LEU A 224 -10.84 -2.52 12.44
N ARG A 225 -11.43 -3.56 11.86
CA ARG A 225 -12.88 -3.58 11.65
C ARG A 225 -13.61 -3.39 12.97
N GLY A 226 -14.52 -2.41 13.02
CA GLY A 226 -15.27 -2.12 14.21
C GLY A 226 -14.49 -1.39 15.30
N LYS A 227 -13.25 -0.99 15.01
CA LYS A 227 -12.41 -0.39 16.04
C LYS A 227 -11.83 0.94 15.56
N ALA A 228 -11.14 0.96 14.40
CA ALA A 228 -10.68 2.23 13.87
C ALA A 228 -11.88 3.13 13.55
N SER A 229 -11.77 4.40 13.89
CA SER A 229 -12.79 5.36 13.48
C SER A 229 -12.57 5.87 12.06
N ALA A 230 -11.33 5.85 11.56
CA ALA A 230 -11.02 6.24 10.19
C ALA A 230 -9.70 5.59 9.79
N ALA A 231 -9.51 5.38 8.48
CA ALA A 231 -8.25 4.79 8.03
C ALA A 231 -8.07 4.99 6.53
N LEU A 232 -6.79 5.08 6.12
CA LEU A 232 -6.40 4.98 4.72
C LEU A 232 -4.94 4.52 4.70
N ASP A 233 -4.42 4.24 3.51
CA ASP A 233 -3.00 3.91 3.44
C ASP A 233 -2.20 5.16 3.07
N ILE A 234 -0.92 5.16 3.46
CA ILE A 234 -0.03 6.27 3.18
C ILE A 234 0.63 5.99 1.82
N SER A 235 0.20 6.72 0.81
CA SER A 235 0.76 6.60 -0.53
C SER A 235 1.48 7.89 -0.94
N ASP A 236 0.81 9.04 -0.81
CA ASP A 236 1.45 10.33 -1.10
C ASP A 236 2.44 10.75 -0.02
N GLY A 237 2.13 10.45 1.24
CA GLY A 237 2.98 10.90 2.34
C GLY A 237 2.15 11.10 3.59
N LEU A 238 2.82 10.97 4.74
CA LEU A 238 2.10 10.95 6.02
C LEU A 238 1.25 12.21 6.21
N LEU A 239 1.88 13.39 6.12
CA LEU A 239 1.15 14.62 6.38
C LEU A 239 0.08 14.85 5.33
N ALA A 240 0.41 14.64 4.04
CA ALA A 240 -0.58 14.81 2.99
C ALA A 240 -1.78 13.87 3.23
N ASP A 241 -1.52 12.61 3.55
CA ASP A 241 -2.62 11.67 3.64
C ASP A 241 -3.39 11.80 4.96
N CYS A 242 -2.73 12.29 6.02
CA CYS A 242 -3.50 12.71 7.21
C CYS A 242 -4.56 13.74 6.84
N GLY A 243 -4.28 14.57 5.83
CA GLY A 243 -5.25 15.57 5.40
C GLY A 243 -6.58 15.00 4.99
N HIS A 244 -6.59 13.80 4.39
CA HIS A 244 -7.85 13.21 3.95
C HIS A 244 -8.74 12.88 5.14
N ILE A 245 -8.15 12.38 6.23
CA ILE A 245 -8.97 12.09 7.41
C ILE A 245 -9.46 13.40 8.02
N ALA A 246 -8.56 14.38 8.15
CA ALA A 246 -8.92 15.65 8.75
C ALA A 246 -10.08 16.30 7.99
N ARG A 247 -10.01 16.29 6.66
CA ARG A 247 -11.04 16.94 5.86
C ARG A 247 -12.32 16.12 5.84
N ALA A 248 -12.22 14.80 5.62
CA ALA A 248 -13.43 13.98 5.59
C ALA A 248 -14.13 13.96 6.93
N SER A 249 -13.38 13.99 8.03
CA SER A 249 -13.97 13.90 9.36
C SER A 249 -14.27 15.25 9.97
N GLY A 250 -13.76 16.34 9.40
CA GLY A 250 -13.99 17.66 9.96
C GLY A 250 -13.33 17.87 11.30
N VAL A 251 -12.05 17.52 11.41
CA VAL A 251 -11.29 17.56 12.65
C VAL A 251 -9.88 18.02 12.35
N ALA A 252 -9.13 18.27 13.41
CA ALA A 252 -7.70 18.54 13.31
C ALA A 252 -6.92 17.28 13.68
N LEU A 253 -5.90 16.95 12.89
CA LEU A 253 -4.97 15.89 13.22
C LEU A 253 -3.65 16.50 13.66
N LEU A 254 -3.15 16.05 14.81
CA LEU A 254 -1.92 16.55 15.39
C LEU A 254 -0.88 15.43 15.37
N VAL A 255 0.20 15.64 14.62
CA VAL A 255 1.32 14.69 14.56
C VAL A 255 2.40 15.19 15.51
N GLU A 256 2.84 14.32 16.42
CA GLU A 256 3.86 14.67 17.42
C GLU A 256 5.23 14.22 16.94
N CYS A 257 6.10 15.19 16.63
CA CYS A 257 7.43 14.90 16.12
C CYS A 257 8.17 13.87 16.97
N GLN A 258 8.12 14.02 18.29
CA GLN A 258 8.85 13.11 19.16
C GLN A 258 8.36 11.68 19.06
N ARG A 259 7.15 11.45 18.54
CA ARG A 259 6.65 10.10 18.38
C ARG A 259 7.03 9.48 17.04
N LEU A 260 7.77 10.19 16.20
CA LEU A 260 8.20 9.68 14.90
C LEU A 260 9.62 9.15 15.04
N GLN A 261 9.73 7.96 15.62
CA GLN A 261 11.01 7.32 15.84
C GLN A 261 11.42 6.51 14.61
N ALA A 262 12.61 6.79 14.09
CA ALA A 262 13.11 6.05 12.94
C ALA A 262 13.32 4.58 13.29
N SER A 263 12.89 3.70 12.40
CA SER A 263 13.15 2.27 12.56
C SER A 263 14.65 1.98 12.49
N ALA A 264 15.01 0.77 12.93
CA ALA A 264 16.39 0.31 12.74
C ALA A 264 16.78 0.39 11.27
N ALA A 265 15.89 -0.08 10.38
CA ALA A 265 16.19 -0.08 8.95
C ALA A 265 16.44 1.33 8.43
N LEU A 266 15.55 2.26 8.77
CA LEU A 266 15.72 3.65 8.33
C LEU A 266 16.98 4.26 8.93
N SER A 267 17.19 4.06 10.23
CA SER A 267 18.36 4.60 10.93
C SER A 267 19.66 4.06 10.37
N GLY A 268 19.65 2.91 9.71
CA GLY A 268 20.88 2.42 9.09
C GLY A 268 21.39 3.36 8.01
N LEU A 269 20.49 4.14 7.42
CA LEU A 269 20.84 5.03 6.31
C LEU A 269 20.80 6.50 6.67
N LEU A 270 19.78 6.90 7.43
CA LEU A 270 19.60 8.35 7.67
C LEU A 270 19.46 8.67 9.15
N ALA A 271 19.80 9.91 9.48
CA ALA A 271 19.68 10.33 10.88
C ALA A 271 18.90 11.63 11.00
N GLY A 272 18.52 11.94 12.22
CA GLY A 272 17.88 13.22 12.51
C GLY A 272 16.89 13.77 11.53
N GLU A 273 17.17 14.97 11.04
CA GLU A 273 16.20 15.67 10.18
C GLU A 273 15.96 14.92 8.89
N GLU A 274 17.00 14.33 8.32
CA GLU A 274 16.85 13.62 7.03
C GLU A 274 15.81 12.51 7.20
N ALA A 275 15.95 11.73 8.28
CA ALA A 275 15.02 10.61 8.52
C ALA A 275 13.61 11.13 8.79
N LEU A 276 13.53 12.19 9.58
CA LEU A 276 12.22 12.79 9.91
C LEU A 276 11.52 13.25 8.63
N ARG A 277 12.24 13.93 7.74
CA ARG A 277 11.62 14.45 6.50
C ARG A 277 11.05 13.30 5.67
N GLN A 278 11.77 12.19 5.65
CA GLN A 278 11.30 11.01 4.89
C GLN A 278 10.03 10.48 5.57
N GLN A 279 10.04 10.40 6.90
CA GLN A 279 8.84 9.93 7.58
C GLN A 279 7.64 10.82 7.27
N LEU A 280 7.84 12.14 7.25
CA LEU A 280 6.74 13.08 7.08
C LEU A 280 6.23 13.12 5.65
N ALA A 281 7.11 12.96 4.66
CA ALA A 281 6.75 13.38 3.30
C ALA A 281 7.21 12.45 2.19
N ALA A 282 7.89 11.34 2.50
CA ALA A 282 8.33 10.45 1.41
C ALA A 282 7.15 9.82 0.70
N GLY A 283 6.12 9.42 1.46
CA GLY A 283 5.09 8.54 0.87
C GLY A 283 5.69 7.20 0.48
N ASP A 284 4.90 6.45 -0.30
CA ASP A 284 5.23 5.08 -0.68
C ASP A 284 5.36 4.15 0.53
N ASP A 285 4.81 4.53 1.68
CA ASP A 285 4.94 3.67 2.87
C ASP A 285 4.04 2.44 2.78
N TYR A 286 2.82 2.62 2.25
CA TYR A 286 1.79 1.57 2.22
C TYR A 286 1.67 0.89 3.59
N VAL A 287 1.74 1.69 4.63
CA VAL A 287 1.21 1.30 5.94
C VAL A 287 -0.04 2.13 6.17
N LEU A 288 -0.91 1.62 7.02
CA LEU A 288 -2.14 2.34 7.29
C LEU A 288 -1.89 3.50 8.25
N VAL A 289 -2.57 4.61 8.01
CA VAL A 289 -2.70 5.65 9.00
C VAL A 289 -4.17 5.62 9.45
N PHE A 290 -4.40 5.60 10.75
CA PHE A 290 -5.76 5.39 11.23
C PHE A 290 -5.96 6.10 12.55
N THR A 291 -7.21 6.48 12.80
CA THR A 291 -7.59 7.06 14.09
C THR A 291 -8.30 5.99 14.91
N LEU A 292 -8.06 6.02 16.22
CA LEU A 292 -8.45 4.91 17.08
C LEU A 292 -8.95 5.43 18.43
N PRO A 293 -10.16 5.05 18.84
CA PRO A 293 -10.63 5.36 20.20
C PRO A 293 -9.67 4.78 21.23
N PRO A 294 -9.32 5.54 22.27
CA PRO A 294 -8.33 5.06 23.24
C PRO A 294 -8.61 3.68 23.79
N GLU A 295 -9.87 3.32 23.95
CA GLU A 295 -10.25 2.04 24.53
C GLU A 295 -9.85 0.84 23.69
N TYR A 296 -9.42 1.06 22.43
CA TYR A 296 -9.00 -0.05 21.57
C TYR A 296 -7.51 -0.12 21.38
N LEU A 297 -6.73 0.73 22.05
CA LEU A 297 -5.28 0.74 21.86
C LEU A 297 -4.67 -0.61 22.22
N GLY A 298 -5.08 -1.17 23.36
CA GLY A 298 -4.50 -2.43 23.80
C GLY A 298 -4.78 -3.57 22.84
N GLU A 299 -6.00 -3.62 22.30
CA GLU A 299 -6.35 -4.68 21.36
C GLU A 299 -5.54 -4.57 20.08
N ILE A 300 -5.34 -3.35 19.55
CA ILE A 300 -4.61 -3.24 18.29
C ILE A 300 -3.12 -3.45 18.52
N ARG A 301 -2.58 -2.96 19.65
CA ARG A 301 -1.19 -3.27 19.98
C ARG A 301 -0.96 -4.76 20.07
N ALA A 302 -1.90 -5.48 20.69
CA ALA A 302 -1.77 -6.93 20.82
C ALA A 302 -1.85 -7.62 19.46
N ALA A 303 -2.76 -7.18 18.58
CA ALA A 303 -2.94 -7.86 17.31
C ALA A 303 -1.87 -7.47 16.29
N TRP A 304 -1.25 -6.29 16.45
CA TRP A 304 -0.36 -5.74 15.44
C TRP A 304 0.70 -4.93 16.15
N PRO A 305 1.68 -5.60 16.78
CA PRO A 305 2.64 -4.88 17.64
C PRO A 305 3.44 -3.83 16.90
N ALA A 306 3.54 -3.89 15.57
CA ALA A 306 4.27 -2.88 14.81
C ALA A 306 3.57 -1.53 14.77
N MET A 307 2.30 -1.45 15.17
CA MET A 307 1.62 -0.15 15.15
C MET A 307 2.30 0.82 16.10
N ALA A 308 2.07 2.11 15.87
CA ALA A 308 2.64 3.15 16.71
C ALA A 308 1.64 4.28 16.85
N VAL A 309 1.53 4.85 18.05
CA VAL A 309 0.79 6.09 18.24
C VAL A 309 1.69 7.26 17.83
N ILE A 310 1.19 8.13 16.96
CA ILE A 310 1.99 9.25 16.47
C ILE A 310 1.38 10.60 16.81
N GLY A 311 0.20 10.62 17.42
CA GLY A 311 -0.46 11.90 17.70
C GLY A 311 -1.88 11.67 18.14
N ARG A 312 -2.72 12.68 17.89
CA ARG A 312 -4.10 12.62 18.35
C ARG A 312 -4.98 13.49 17.45
N VAL A 313 -6.28 13.29 17.60
CA VAL A 313 -7.31 14.07 16.93
C VAL A 313 -7.87 15.08 17.92
N GLU A 314 -8.05 16.33 17.47
CA GLU A 314 -8.72 17.37 18.25
C GLU A 314 -9.80 18.02 17.40
N ALA A 315 -10.69 18.76 18.06
CA ALA A 315 -11.65 19.59 17.33
C ALA A 315 -10.89 20.69 16.59
N GLY A 316 -11.37 21.01 15.39
CA GLY A 316 -10.70 22.00 14.56
C GLY A 316 -10.57 21.56 13.12
N GLN A 317 -9.50 21.99 12.45
CA GLN A 317 -9.30 21.60 11.06
C GLN A 317 -7.81 21.53 10.74
N GLY A 318 -7.49 20.77 9.69
CA GLY A 318 -6.13 20.72 9.19
C GLY A 318 -5.24 19.73 9.91
N VAL A 319 -4.01 19.67 9.40
CA VAL A 319 -2.97 18.78 9.91
C VAL A 319 -1.88 19.66 10.52
N HIS A 320 -1.43 19.29 11.72
CA HIS A 320 -0.53 20.14 12.49
C HIS A 320 0.62 19.29 13.01
N LEU A 321 1.84 19.73 12.74
CA LEU A 321 3.04 19.05 13.22
C LEU A 321 3.55 19.79 14.45
N LEU A 322 3.70 19.07 15.56
CA LEU A 322 4.08 19.68 16.84
C LEU A 322 5.46 19.21 17.27
N ASP A 323 6.22 20.11 17.89
CA ASP A 323 7.54 19.76 18.40
C ASP A 323 7.40 19.18 19.82
N ALA A 324 8.55 18.88 20.44
CA ALA A 324 8.55 18.28 21.77
C ALA A 324 7.81 19.14 22.79
N ASP A 325 7.76 20.45 22.57
CA ASP A 325 7.10 21.38 23.48
C ASP A 325 5.64 21.63 23.11
N GLY A 326 5.12 20.98 22.08
CA GLY A 326 3.77 21.23 21.64
C GLY A 326 3.58 22.45 20.79
N LYS A 327 4.66 23.06 20.32
CA LYS A 327 4.57 24.19 19.41
C LYS A 327 4.51 23.70 17.97
N GLU A 328 3.77 24.45 17.13
CA GLU A 328 3.59 24.07 15.74
C GLU A 328 4.81 24.40 14.90
N LEU A 329 5.11 23.51 13.95
CA LEU A 329 6.24 23.69 13.05
C LEU A 329 5.74 24.04 11.65
#